data_6LOB
#
_entry.id   6LOB
#
_cell.length_a   61.663
_cell.length_b   61.663
_cell.length_c   156.638
_cell.angle_alpha   90.000
_cell.angle_beta   90.000
_cell.angle_gamma   90.000
#
_symmetry.space_group_name_H-M   'P 41 21 2'
#
loop_
_entity.id
_entity.type
_entity.pdbx_description
1 polymer 'Nuclear receptor ROR-gamma'
2 non-polymer 9-ethyl-~{N}-[(4-ethylsulfonylphenyl)methyl]carbazole-3-carboxamide
3 water water
#
_entity_poly.entity_id   1
_entity_poly.type   'polypeptide(L)'
_entity_poly.pdbx_seq_one_letter_code
;HHHHHHLVPRGSPEAPYASLTEIEHLVQSVCKSYRETCQLRLEDLLRQRSNIFSREEVTGYQRKSMWEMWERCAHHLTEA
IQYVVEFAKRLSGFMELCQNDQIVLLKAGAMEVVLVRMCRAYNADNRTVFFEGKYGGMELFRALGCSELISSIFDFSHSL
SALHFSEDEIALYTALVLINAHRPGLQEKRKVEQLQYNLELAFHHHLCKTHRQSILAKLPPKGKLRSLCSQHVERLQIFQ
HLHPIVVQAAFPPLYKELFSGGGEKHKILHRLLQDS
;
_entity_poly.pdbx_strand_id   A
#
loop_
_chem_comp.id
_chem_comp.type
_chem_comp.name
_chem_comp.formula
EO0 non-polymer 9-ethyl-~{N}-[(4-ethylsulfonylphenyl)methyl]carbazole-3-carboxamide 'C24 H24 N2 O3 S'
#
# COMPACT_ATOMS: atom_id res chain seq x y z
N ALA A 18 -2.82 28.23 -2.66
CA ALA A 18 -2.06 27.95 -3.88
C ALA A 18 -2.74 28.63 -5.07
N SER A 19 -2.21 28.40 -6.26
CA SER A 19 -2.81 28.92 -7.50
C SER A 19 -2.53 27.95 -8.64
N LEU A 20 -3.05 28.28 -9.82
CA LEU A 20 -3.13 27.27 -10.88
C LEU A 20 -1.77 26.67 -11.19
N THR A 21 -0.78 27.52 -11.50
CA THR A 21 0.56 27.03 -11.84
C THR A 21 1.15 26.26 -10.66
N GLU A 22 0.89 26.72 -9.44
CA GLU A 22 1.38 26.03 -8.25
C GLU A 22 0.68 24.67 -8.08
N ILE A 23 -0.59 24.58 -8.47
CA ILE A 23 -1.29 23.30 -8.39
C ILE A 23 -0.79 22.35 -9.45
N GLU A 24 -0.59 22.83 -10.68
N GLU A 24 -0.61 22.83 -10.68
CA GLU A 24 -0.06 21.99 -11.73
CA GLU A 24 -0.06 21.95 -11.72
C GLU A 24 1.38 21.60 -11.45
C GLU A 24 1.37 21.56 -11.40
N HIS A 25 2.13 22.43 -10.74
CA HIS A 25 3.48 22.04 -10.33
C HIS A 25 3.41 21.00 -9.23
N LEU A 26 2.41 21.11 -8.33
CA LEU A 26 2.18 20.07 -7.36
C LEU A 26 1.90 18.73 -8.04
N VAL A 27 1.08 18.75 -9.09
CA VAL A 27 0.74 17.52 -9.82
C VAL A 27 2.00 16.86 -10.37
N GLN A 28 2.83 17.62 -11.07
CA GLN A 28 4.04 17.07 -11.68
C GLN A 28 4.97 16.48 -10.63
N SER A 29 5.08 17.14 -9.47
CA SER A 29 6.03 16.70 -8.45
C SER A 29 5.55 15.44 -7.72
N VAL A 30 4.25 15.32 -7.46
CA VAL A 30 3.70 14.07 -6.90
C VAL A 30 3.90 12.94 -7.90
N CYS A 31 3.59 13.18 -9.17
CA CYS A 31 3.77 12.15 -10.18
C CYS A 31 5.22 11.75 -10.29
N LYS A 32 6.13 12.71 -10.19
CA LYS A 32 7.55 12.38 -10.25
C LYS A 32 7.97 11.55 -9.04
N SER A 33 7.61 12.00 -7.83
CA SER A 33 7.94 11.26 -6.62
C SER A 33 7.45 9.82 -6.70
N TYR A 34 6.25 9.63 -7.24
CA TYR A 34 5.70 8.29 -7.37
C TYR A 34 6.47 7.46 -8.39
N ARG A 35 6.86 8.05 -9.52
CA ARG A 35 7.60 7.25 -10.49
C ARG A 35 8.91 6.74 -9.90
N GLU A 36 9.60 7.58 -9.13
CA GLU A 36 10.89 7.24 -8.56
C GLU A 36 10.82 6.17 -7.48
N THR A 37 9.67 5.99 -6.86
CA THR A 37 9.52 5.10 -5.71
C THR A 37 8.54 3.98 -6.00
N CYS A 38 8.22 3.76 -7.27
CA CYS A 38 7.57 2.52 -7.66
C CYS A 38 8.50 1.35 -7.37
N GLN A 39 7.96 0.34 -6.72
CA GLN A 39 8.69 -0.91 -6.65
C GLN A 39 8.88 -1.46 -8.07
N LEU A 40 7.78 -1.65 -8.79
CA LEU A 40 7.80 -2.26 -10.11
C LEU A 40 7.17 -1.32 -11.14
N ARG A 41 7.90 -1.10 -12.23
CA ARG A 41 7.33 -0.38 -13.36
C ARG A 41 6.06 -1.09 -13.83
N LEU A 42 5.09 -0.31 -14.32
CA LEU A 42 3.84 -0.90 -14.76
C LEU A 42 4.06 -1.86 -15.94
N GLU A 43 4.96 -1.49 -16.86
CA GLU A 43 5.19 -2.30 -18.06
C GLU A 43 5.84 -3.64 -17.72
N ASP A 44 6.73 -3.66 -16.72
CA ASP A 44 7.28 -4.93 -16.26
C ASP A 44 6.17 -5.87 -15.80
N LEU A 45 5.17 -5.34 -15.08
CA LEU A 45 4.06 -6.15 -14.59
C LEU A 45 3.11 -6.54 -15.71
N LEU A 46 2.99 -5.72 -16.75
CA LEU A 46 2.11 -6.11 -17.84
C LEU A 46 2.77 -7.14 -18.74
N ARG A 47 4.07 -6.98 -19.02
CA ARG A 47 4.80 -7.96 -19.83
C ARG A 47 4.77 -9.37 -19.22
N GLN A 48 4.46 -9.50 -17.92
CA GLN A 48 4.57 -10.77 -17.22
C GLN A 48 3.26 -11.50 -17.10
N ARG A 49 2.16 -10.95 -17.63
CA ARG A 49 0.83 -11.49 -17.34
C ARG A 49 0.58 -12.86 -17.95
N SER A 50 1.30 -13.23 -19.02
CA SER A 50 1.23 -14.58 -19.59
C SER A 50 2.01 -15.60 -18.77
N ASN A 51 2.71 -15.14 -17.74
CA ASN A 51 3.61 -15.98 -16.95
C ASN A 51 2.88 -16.33 -15.67
N ILE A 52 2.22 -17.48 -15.69
CA ILE A 52 1.21 -17.83 -14.69
C ILE A 52 1.60 -19.14 -14.04
N PHE A 53 1.52 -19.20 -12.70
CA PHE A 53 1.90 -20.40 -11.98
C PHE A 53 1.14 -21.60 -12.52
N SER A 54 1.89 -22.67 -12.81
CA SER A 54 1.28 -23.92 -13.21
C SER A 54 0.45 -24.49 -12.06
N ARG A 55 -0.42 -25.45 -12.39
CA ARG A 55 -1.20 -26.12 -11.35
C ARG A 55 -0.28 -26.85 -10.38
N GLU A 56 0.86 -27.34 -10.85
CA GLU A 56 1.82 -27.98 -9.97
C GLU A 56 2.44 -26.97 -9.02
N GLU A 57 2.78 -25.78 -9.53
CA GLU A 57 3.36 -24.77 -8.67
C GLU A 57 2.34 -24.25 -7.66
N VAL A 58 1.09 -24.10 -8.08
CA VAL A 58 0.05 -23.73 -7.13
C VAL A 58 -0.03 -24.77 -6.02
N THR A 59 -0.12 -26.05 -6.40
CA THR A 59 -0.18 -27.10 -5.39
C THR A 59 1.00 -27.01 -4.44
N GLY A 60 2.18 -26.66 -4.95
CA GLY A 60 3.33 -26.49 -4.08
C GLY A 60 3.16 -25.36 -3.08
N TYR A 61 2.50 -24.27 -3.50
CA TYR A 61 2.27 -23.17 -2.56
C TYR A 61 1.28 -23.57 -1.47
N GLN A 62 0.24 -24.32 -1.83
CA GLN A 62 -0.76 -24.72 -0.85
C GLN A 62 -0.20 -25.71 0.17
N ARG A 63 0.82 -26.47 -0.23
CA ARG A 63 1.44 -27.44 0.67
C ARG A 63 2.56 -26.84 1.52
N LYS A 64 2.99 -25.61 1.25
CA LYS A 64 3.91 -24.95 2.17
C LYS A 64 3.22 -24.75 3.53
N SER A 65 4.02 -24.81 4.59
CA SER A 65 3.48 -24.68 5.93
C SER A 65 2.87 -23.30 6.10
N MET A 66 1.92 -23.21 7.04
CA MET A 66 1.30 -21.92 7.32
C MET A 66 2.33 -20.87 7.73
N TRP A 67 3.33 -21.27 8.53
N TRP A 67 3.32 -21.25 8.56
CA TRP A 67 4.26 -20.29 9.06
CA TRP A 67 4.25 -20.25 9.06
C TRP A 67 5.27 -19.81 8.01
C TRP A 67 5.25 -19.79 7.99
N GLU A 68 5.71 -20.68 7.11
CA GLU A 68 6.62 -20.22 6.07
C GLU A 68 5.92 -19.31 5.05
N MET A 69 4.68 -19.64 4.69
CA MET A 69 3.94 -18.76 3.79
C MET A 69 3.75 -17.38 4.40
N TRP A 70 3.39 -17.32 5.70
CA TRP A 70 3.27 -16.03 6.40
C TRP A 70 4.58 -15.26 6.39
N GLU A 71 5.70 -15.95 6.64
CA GLU A 71 6.98 -15.28 6.59
C GLU A 71 7.28 -14.73 5.20
N ARG A 72 6.99 -15.51 4.16
CA ARG A 72 7.25 -15.02 2.81
C ARG A 72 6.36 -13.83 2.45
N CYS A 73 5.08 -13.85 2.85
CA CYS A 73 4.22 -12.73 2.53
C CYS A 73 4.61 -11.47 3.31
N ALA A 74 4.94 -11.64 4.60
CA ALA A 74 5.35 -10.47 5.38
C ALA A 74 6.62 -9.87 4.84
N HIS A 75 7.53 -10.70 4.32
CA HIS A 75 8.76 -10.19 3.73
C HIS A 75 8.47 -9.36 2.49
N HIS A 76 7.61 -9.86 1.60
CA HIS A 76 7.28 -9.10 0.39
C HIS A 76 6.55 -7.82 0.74
N LEU A 77 5.65 -7.90 1.73
CA LEU A 77 4.90 -6.72 2.14
C LEU A 77 5.84 -5.67 2.72
N THR A 78 6.85 -6.10 3.46
CA THR A 78 7.77 -5.13 4.04
C THR A 78 8.56 -4.42 2.97
N GLU A 79 9.01 -5.16 1.95
CA GLU A 79 9.73 -4.56 0.84
C GLU A 79 8.87 -3.51 0.15
N ALA A 80 7.60 -3.83 -0.11
CA ALA A 80 6.68 -2.86 -0.69
C ALA A 80 6.54 -1.64 0.20
N ILE A 81 6.39 -1.84 1.51
CA ILE A 81 6.26 -0.72 2.44
C ILE A 81 7.48 0.18 2.41
N GLN A 82 8.66 -0.40 2.18
CA GLN A 82 9.89 0.39 2.15
C GLN A 82 9.89 1.40 1.01
N TYR A 83 9.32 1.03 -0.15
CA TYR A 83 9.21 2.01 -1.22
C TYR A 83 8.18 3.08 -0.88
N VAL A 84 7.17 2.72 -0.09
CA VAL A 84 6.16 3.70 0.32
C VAL A 84 6.79 4.74 1.25
N VAL A 85 7.71 4.31 2.12
CA VAL A 85 8.44 5.27 2.95
C VAL A 85 9.23 6.23 2.09
N GLU A 86 9.92 5.69 1.06
CA GLU A 86 10.70 6.54 0.15
C GLU A 86 9.79 7.48 -0.64
N PHE A 87 8.62 7.02 -1.08
CA PHE A 87 7.63 7.91 -1.68
C PHE A 87 7.30 9.08 -0.74
N ALA A 88 7.07 8.80 0.54
CA ALA A 88 6.69 9.85 1.47
C ALA A 88 7.83 10.83 1.69
N LYS A 89 9.05 10.33 1.85
CA LYS A 89 10.19 11.24 2.01
C LYS A 89 10.38 12.13 0.80
N ARG A 90 9.96 11.70 -0.39
CA ARG A 90 10.07 12.52 -1.58
C ARG A 90 8.82 13.36 -1.85
N LEU A 91 7.80 13.23 -1.03
CA LEU A 91 6.53 13.91 -1.25
C LEU A 91 6.56 15.31 -0.66
N SER A 92 6.22 16.31 -1.48
CA SER A 92 6.27 17.71 -1.07
C SER A 92 5.55 17.97 0.25
N GLY A 93 6.25 18.58 1.19
CA GLY A 93 5.68 18.93 2.46
C GLY A 93 5.64 17.81 3.48
N PHE A 94 5.90 16.56 3.09
CA PHE A 94 5.87 15.52 4.10
C PHE A 94 6.99 15.73 5.12
N MET A 95 8.20 16.01 4.64
CA MET A 95 9.34 16.14 5.55
C MET A 95 9.37 17.46 6.31
N GLU A 96 8.49 18.43 5.97
CA GLU A 96 8.36 19.60 6.84
C GLU A 96 7.48 19.34 8.04
N LEU A 97 6.70 18.27 8.00
CA LEU A 97 5.92 17.84 9.15
C LEU A 97 6.85 17.36 10.25
N CYS A 98 6.42 17.52 11.50
CA CYS A 98 7.24 17.02 12.59
C CYS A 98 7.36 15.50 12.50
N GLN A 99 8.38 14.97 13.17
CA GLN A 99 8.67 13.55 13.03
C GLN A 99 7.56 12.69 13.62
N ASN A 100 6.95 13.13 14.73
CA ASN A 100 5.78 12.46 15.26
C ASN A 100 4.69 12.31 14.21
N ASP A 101 4.40 13.37 13.45
CA ASP A 101 3.34 13.31 12.47
C ASP A 101 3.74 12.47 11.26
N GLN A 102 5.00 12.59 10.81
CA GLN A 102 5.52 11.69 9.77
C GLN A 102 5.31 10.23 10.13
N ILE A 103 5.62 9.88 11.38
CA ILE A 103 5.51 8.50 11.83
C ILE A 103 4.05 8.09 11.96
N VAL A 104 3.21 8.95 12.54
CA VAL A 104 1.79 8.63 12.59
C VAL A 104 1.24 8.40 11.19
N LEU A 105 1.61 9.25 10.24
CA LEU A 105 1.04 9.10 8.91
C LEU A 105 1.49 7.80 8.25
N LEU A 106 2.77 7.44 8.41
CA LEU A 106 3.26 6.20 7.81
C LEU A 106 2.70 4.97 8.52
N LYS A 107 2.61 5.01 9.86
CA LYS A 107 2.09 3.88 10.60
C LYS A 107 0.66 3.55 10.19
N ALA A 108 -0.15 4.58 9.93
CA ALA A 108 -1.53 4.33 9.54
C ALA A 108 -1.70 4.12 8.04
N GLY A 109 -0.85 4.71 7.21
CA GLY A 109 -1.09 4.75 5.78
C GLY A 109 -0.22 3.89 4.89
N ALA A 110 0.93 3.40 5.39
CA ALA A 110 1.83 2.64 4.53
C ALA A 110 1.14 1.40 3.97
N MET A 111 0.48 0.62 4.83
CA MET A 111 -0.28 -0.53 4.37
C MET A 111 -1.35 -0.10 3.36
N GLU A 112 -2.08 0.97 3.68
CA GLU A 112 -3.11 1.47 2.79
C GLU A 112 -2.53 1.80 1.41
N VAL A 113 -1.40 2.51 1.36
CA VAL A 113 -0.82 2.87 0.06
C VAL A 113 -0.47 1.62 -0.73
N VAL A 114 0.03 0.58 -0.05
CA VAL A 114 0.41 -0.66 -0.73
C VAL A 114 -0.83 -1.38 -1.26
N LEU A 115 -1.89 -1.46 -0.46
CA LEU A 115 -3.13 -2.06 -0.93
C LEU A 115 -3.61 -1.41 -2.23
N VAL A 116 -3.44 -0.08 -2.35
CA VAL A 116 -3.85 0.63 -3.56
C VAL A 116 -2.83 0.39 -4.69
N ARG A 117 -1.54 0.58 -4.41
CA ARG A 117 -0.51 0.28 -5.42
C ARG A 117 -0.66 -1.13 -5.97
N MET A 118 -1.21 -2.03 -5.16
CA MET A 118 -1.29 -3.43 -5.52
C MET A 118 -2.19 -3.71 -6.73
N CYS A 119 -3.11 -2.80 -7.07
CA CYS A 119 -4.02 -3.08 -8.18
C CYS A 119 -3.28 -3.07 -9.51
N ARG A 120 -2.11 -2.44 -9.57
CA ARG A 120 -1.27 -2.50 -10.76
C ARG A 120 -0.73 -3.91 -11.00
N ALA A 121 -0.63 -4.72 -9.95
CA ALA A 121 -0.10 -6.07 -10.03
C ALA A 121 -1.21 -7.09 -10.17
N TYR A 122 -2.45 -6.66 -10.28
CA TYR A 122 -3.58 -7.56 -10.36
C TYR A 122 -4.12 -7.59 -11.78
N ASN A 123 -4.52 -8.78 -12.23
CA ASN A 123 -5.05 -8.99 -13.58
C ASN A 123 -6.54 -9.29 -13.46
N ALA A 124 -7.38 -8.35 -13.88
CA ALA A 124 -8.80 -8.59 -13.71
C ALA A 124 -9.36 -9.56 -14.74
N ASP A 125 -8.70 -9.75 -15.89
CA ASP A 125 -9.19 -10.72 -16.87
C ASP A 125 -9.23 -12.13 -16.29
N ASN A 126 -8.19 -12.53 -15.58
CA ASN A 126 -8.10 -13.88 -15.03
C ASN A 126 -8.09 -13.90 -13.50
N ARG A 127 -8.26 -12.75 -12.86
CA ARG A 127 -8.33 -12.64 -11.40
C ARG A 127 -7.08 -13.20 -10.71
N THR A 128 -5.90 -12.85 -11.25
CA THR A 128 -4.63 -13.24 -10.67
C THR A 128 -3.84 -12.01 -10.26
N VAL A 129 -2.87 -12.24 -9.38
CA VAL A 129 -1.99 -11.21 -8.86
C VAL A 129 -0.54 -11.65 -9.07
N PHE A 130 0.34 -10.69 -9.33
CA PHE A 130 1.77 -10.96 -9.44
C PHE A 130 2.36 -11.26 -8.07
N PHE A 131 3.03 -12.42 -7.94
CA PHE A 131 3.58 -12.85 -6.65
C PHE A 131 4.77 -13.77 -6.88
N GLU A 132 5.96 -13.32 -6.49
CA GLU A 132 7.17 -14.13 -6.58
C GLU A 132 7.39 -14.64 -8.00
N GLY A 133 7.36 -13.72 -8.95
CA GLY A 133 7.79 -13.95 -10.31
C GLY A 133 6.70 -14.31 -11.30
N LYS A 134 5.53 -14.74 -10.82
CA LYS A 134 4.48 -15.18 -11.71
C LYS A 134 3.13 -14.78 -11.13
N TYR A 135 2.07 -15.03 -11.89
CA TYR A 135 0.72 -14.64 -11.54
C TYR A 135 -0.08 -15.83 -11.04
N GLY A 136 -0.85 -15.62 -9.99
CA GLY A 136 -1.65 -16.69 -9.43
C GLY A 136 -2.90 -16.16 -8.77
N GLY A 137 -4.00 -16.92 -8.92
CA GLY A 137 -5.23 -16.59 -8.25
C GLY A 137 -5.12 -16.73 -6.75
N MET A 138 -6.25 -16.48 -6.09
CA MET A 138 -6.25 -16.42 -4.63
C MET A 138 -6.03 -17.79 -4.00
N GLU A 139 -6.26 -18.87 -4.74
N GLU A 139 -6.26 -18.88 -4.74
CA GLU A 139 -5.94 -20.19 -4.19
CA GLU A 139 -5.93 -20.19 -4.20
C GLU A 139 -4.45 -20.33 -3.88
C GLU A 139 -4.45 -20.31 -3.87
N LEU A 140 -3.61 -19.46 -4.46
CA LEU A 140 -2.18 -19.54 -4.18
C LEU A 140 -1.89 -19.37 -2.70
N PHE A 141 -2.81 -18.70 -1.97
CA PHE A 141 -2.57 -18.26 -0.60
C PHE A 141 -3.35 -19.06 0.43
N ARG A 142 -3.84 -20.25 0.08
CA ARG A 142 -4.66 -21.04 1.02
C ARG A 142 -3.90 -21.40 2.29
N ALA A 143 -2.58 -21.54 2.20
CA ALA A 143 -1.84 -21.98 3.38
C ALA A 143 -1.83 -20.93 4.50
N LEU A 144 -2.19 -19.69 4.19
CA LEU A 144 -2.23 -18.65 5.22
C LEU A 144 -3.37 -18.89 6.20
N GLY A 145 -4.42 -19.57 5.76
CA GLY A 145 -5.61 -19.68 6.59
C GLY A 145 -6.24 -18.36 6.94
N CYS A 146 -6.42 -17.49 5.95
CA CYS A 146 -7.14 -16.23 6.13
C CYS A 146 -7.78 -15.85 4.80
N SER A 147 -8.67 -16.74 4.33
CA SER A 147 -9.27 -16.59 3.01
C SER A 147 -10.08 -15.31 2.89
N GLU A 148 -10.71 -14.89 3.98
CA GLU A 148 -11.54 -13.68 3.97
C GLU A 148 -10.70 -12.45 3.66
N LEU A 149 -9.61 -12.27 4.41
CA LEU A 149 -8.67 -11.18 4.14
C LEU A 149 -8.18 -11.23 2.69
N ILE A 150 -7.89 -12.44 2.18
CA ILE A 150 -7.34 -12.57 0.83
C ILE A 150 -8.38 -12.19 -0.21
N SER A 151 -9.59 -12.75 -0.09
CA SER A 151 -10.64 -12.38 -1.05
C SER A 151 -10.99 -10.89 -0.97
N SER A 152 -10.92 -10.27 0.22
CA SER A 152 -11.18 -8.84 0.30
C SER A 152 -10.14 -8.05 -0.47
N ILE A 153 -8.86 -8.40 -0.31
CA ILE A 153 -7.78 -7.74 -1.04
C ILE A 153 -7.96 -7.93 -2.55
N PHE A 154 -8.33 -9.14 -2.96
CA PHE A 154 -8.59 -9.41 -4.38
C PHE A 154 -9.80 -8.63 -4.87
N ASP A 155 -10.92 -8.68 -4.12
CA ASP A 155 -12.10 -7.90 -4.48
C ASP A 155 -11.75 -6.41 -4.59
N PHE A 156 -11.06 -5.88 -3.58
CA PHE A 156 -10.67 -4.47 -3.59
C PHE A 156 -9.82 -4.15 -4.82
N SER A 157 -8.85 -5.03 -5.14
CA SER A 157 -8.02 -4.79 -6.32
C SER A 157 -8.83 -4.89 -7.61
N HIS A 158 -9.83 -5.77 -7.63
CA HIS A 158 -10.70 -5.86 -8.79
C HIS A 158 -11.42 -4.54 -9.01
N SER A 159 -12.04 -4.03 -7.95
CA SER A 159 -12.82 -2.80 -8.07
C SER A 159 -11.95 -1.62 -8.50
N LEU A 160 -10.68 -1.59 -8.09
CA LEU A 160 -9.79 -0.50 -8.51
C LEU A 160 -9.33 -0.67 -9.95
N SER A 161 -9.21 -1.92 -10.41
CA SER A 161 -8.81 -2.18 -11.79
C SER A 161 -9.92 -1.81 -12.76
N ALA A 162 -11.18 -2.00 -12.36
CA ALA A 162 -12.30 -1.55 -13.17
C ALA A 162 -12.24 -0.05 -13.47
N LEU A 163 -11.59 0.73 -12.61
CA LEU A 163 -11.49 2.18 -12.84
C LEU A 163 -10.41 2.54 -13.85
N HIS A 164 -9.55 1.59 -14.21
CA HIS A 164 -8.47 1.83 -15.17
C HIS A 164 -7.68 3.09 -14.82
N PHE A 165 -7.36 3.24 -13.54
CA PHE A 165 -6.41 4.25 -13.09
C PHE A 165 -5.26 4.39 -14.07
N SER A 166 -4.81 5.63 -14.26
CA SER A 166 -3.51 5.86 -14.87
C SER A 166 -2.43 5.89 -13.80
N GLU A 167 -1.18 5.88 -14.22
CA GLU A 167 -0.12 5.97 -13.23
C GLU A 167 -0.18 7.31 -12.51
N ASP A 168 -0.48 8.39 -13.24
CA ASP A 168 -0.57 9.70 -12.60
C ASP A 168 -1.68 9.73 -11.56
N GLU A 169 -2.80 9.06 -11.86
CA GLU A 169 -3.91 9.06 -10.91
C GLU A 169 -3.56 8.28 -9.66
N ILE A 170 -2.82 7.18 -9.83
CA ILE A 170 -2.44 6.38 -8.67
C ILE A 170 -1.53 7.17 -7.75
N ALA A 171 -0.64 7.98 -8.33
CA ALA A 171 0.29 8.81 -7.56
C ALA A 171 -0.46 9.87 -6.76
N LEU A 172 -1.40 10.54 -7.40
CA LEU A 172 -2.16 11.58 -6.72
C LEU A 172 -3.09 11.00 -5.67
N TYR A 173 -3.71 9.84 -5.95
CA TYR A 173 -4.60 9.22 -4.97
C TYR A 173 -3.81 8.64 -3.78
N THR A 174 -2.68 7.95 -4.04
CA THR A 174 -1.92 7.37 -2.93
C THR A 174 -1.30 8.48 -2.08
N ALA A 175 -1.02 9.63 -2.69
CA ALA A 175 -0.53 10.77 -1.89
C ALA A 175 -1.60 11.24 -0.91
N LEU A 176 -2.87 11.20 -1.30
CA LEU A 176 -3.95 11.56 -0.39
C LEU A 176 -4.26 10.46 0.62
N VAL A 177 -4.13 9.19 0.23
CA VAL A 177 -4.20 8.09 1.20
C VAL A 177 -3.19 8.31 2.32
N LEU A 178 -1.97 8.71 1.98
CA LEU A 178 -0.94 8.92 2.99
C LEU A 178 -1.21 10.17 3.83
N ILE A 179 -1.49 11.29 3.16
CA ILE A 179 -1.58 12.60 3.84
C ILE A 179 -3.05 12.75 4.22
N ASN A 180 -3.41 12.15 5.34
CA ASN A 180 -4.79 12.13 5.83
C ASN A 180 -4.80 12.85 7.18
N ALA A 181 -5.39 14.06 7.21
CA ALA A 181 -5.32 14.85 8.45
C ALA A 181 -6.25 14.35 9.56
N HIS A 182 -6.96 13.24 9.36
CA HIS A 182 -7.83 12.68 10.40
C HIS A 182 -7.18 11.55 11.19
N ARG A 183 -5.96 11.15 10.85
CA ARG A 183 -5.25 10.15 11.63
C ARG A 183 -5.17 10.61 13.09
N PRO A 184 -5.66 9.82 14.05
CA PRO A 184 -5.48 10.20 15.46
C PRO A 184 -4.00 10.24 15.84
N GLY A 185 -3.65 11.22 16.67
CA GLY A 185 -2.29 11.32 17.15
C GLY A 185 -1.44 12.39 16.50
N LEU A 186 -1.99 13.12 15.54
CA LEU A 186 -1.24 14.19 14.90
C LEU A 186 -1.06 15.37 15.84
N GLN A 187 0.12 15.99 15.78
CA GLN A 187 0.45 17.14 16.60
C GLN A 187 0.30 18.48 15.88
N GLU A 188 0.42 18.51 14.55
CA GLU A 188 0.18 19.72 13.76
C GLU A 188 -0.93 19.43 12.77
N LYS A 189 -2.15 19.19 13.28
CA LYS A 189 -3.27 18.76 12.44
C LYS A 189 -3.57 19.77 11.33
N ARG A 190 -3.54 21.06 11.66
CA ARG A 190 -3.81 22.07 10.64
C ARG A 190 -2.76 22.04 9.52
N LYS A 191 -1.48 21.87 9.87
CA LYS A 191 -0.45 21.78 8.85
C LYS A 191 -0.68 20.58 7.95
N VAL A 192 -1.16 19.47 8.50
CA VAL A 192 -1.47 18.33 7.65
C VAL A 192 -2.71 18.60 6.82
N GLU A 193 -3.70 19.28 7.42
CA GLU A 193 -4.90 19.68 6.69
C GLU A 193 -4.57 20.56 5.49
N GLN A 194 -3.68 21.54 5.67
N GLN A 194 -3.69 21.55 5.68
CA GLN A 194 -3.28 22.37 4.55
CA GLN A 194 -3.29 22.37 4.55
C GLN A 194 -2.60 21.55 3.47
C GLN A 194 -2.64 21.51 3.48
N LEU A 195 -1.74 20.61 3.88
CA LEU A 195 -1.10 19.71 2.92
C LEU A 195 -2.16 18.86 2.19
N GLN A 196 -3.04 18.20 2.95
CA GLN A 196 -4.10 17.40 2.34
C GLN A 196 -4.90 18.22 1.33
N TYR A 197 -5.38 19.40 1.74
CA TYR A 197 -6.20 20.21 0.85
C TYR A 197 -5.47 20.52 -0.45
N ASN A 198 -4.17 20.80 -0.36
CA ASN A 198 -3.41 21.09 -1.57
C ASN A 198 -3.34 19.88 -2.49
N LEU A 199 -3.19 18.68 -1.94
CA LEU A 199 -3.13 17.52 -2.81
C LEU A 199 -4.52 17.18 -3.37
N GLU A 200 -5.59 17.49 -2.64
CA GLU A 200 -6.93 17.27 -3.17
C GLU A 200 -7.19 18.17 -4.38
N LEU A 201 -6.91 19.47 -4.22
CA LEU A 201 -6.96 20.38 -5.37
C LEU A 201 -6.16 19.80 -6.52
N ALA A 202 -4.94 19.36 -6.26
CA ALA A 202 -4.11 18.79 -7.31
C ALA A 202 -4.80 17.59 -7.96
N PHE A 203 -5.19 16.62 -7.14
CA PHE A 203 -5.91 15.45 -7.65
C PHE A 203 -7.12 15.88 -8.48
N HIS A 204 -7.97 16.73 -7.91
CA HIS A 204 -9.20 17.09 -8.60
C HIS A 204 -8.92 17.93 -9.83
N HIS A 205 -7.87 18.76 -9.80
CA HIS A 205 -7.56 19.54 -10.99
C HIS A 205 -7.13 18.64 -12.14
N HIS A 206 -6.31 17.63 -11.85
CA HIS A 206 -5.86 16.71 -12.88
C HIS A 206 -7.01 15.89 -13.45
N LEU A 207 -7.96 15.50 -12.59
CA LEU A 207 -9.14 14.79 -13.06
C LEU A 207 -10.02 15.67 -13.94
N CYS A 208 -10.24 16.92 -13.53
CA CYS A 208 -10.99 17.84 -14.37
C CYS A 208 -10.27 18.06 -15.70
N LYS A 209 -8.95 18.27 -15.67
CA LYS A 209 -8.22 18.51 -16.93
C LYS A 209 -8.30 17.32 -17.86
N THR A 210 -8.43 16.11 -17.32
CA THR A 210 -8.39 14.89 -18.11
C THR A 210 -9.77 14.27 -18.29
N HIS A 211 -10.83 14.99 -17.91
CA HIS A 211 -12.20 14.49 -18.04
C HIS A 211 -12.33 13.14 -17.35
N ARG A 212 -11.89 13.09 -16.10
CA ARG A 212 -11.94 11.85 -15.33
C ARG A 212 -12.62 12.01 -13.98
N GLN A 213 -13.32 13.12 -13.76
CA GLN A 213 -13.98 13.32 -12.48
C GLN A 213 -15.08 12.30 -12.21
N SER A 214 -15.53 11.59 -13.25
CA SER A 214 -16.50 10.53 -13.00
C SER A 214 -15.97 9.44 -12.08
N ILE A 215 -14.65 9.34 -11.88
CA ILE A 215 -14.17 8.32 -10.95
C ILE A 215 -14.44 8.72 -9.51
N LEU A 216 -14.64 10.01 -9.21
CA LEU A 216 -14.76 10.47 -7.83
C LEU A 216 -15.79 9.68 -7.07
N ALA A 217 -16.96 9.47 -7.67
CA ALA A 217 -18.03 8.73 -7.01
C ALA A 217 -17.79 7.22 -6.99
N LYS A 218 -16.80 6.73 -7.74
CA LYS A 218 -16.50 5.30 -7.77
C LYS A 218 -15.33 4.91 -6.89
N LEU A 219 -14.63 5.87 -6.28
CA LEU A 219 -13.51 5.51 -5.44
C LEU A 219 -14.01 4.81 -4.19
N PRO A 220 -13.17 3.98 -3.58
CA PRO A 220 -13.58 3.28 -2.37
C PRO A 220 -13.77 4.26 -1.24
N PRO A 221 -14.74 4.05 -0.37
CA PRO A 221 -14.83 4.84 0.86
C PRO A 221 -13.63 4.60 1.75
N LYS A 222 -13.20 5.64 2.46
CA LYS A 222 -12.00 5.50 3.28
C LYS A 222 -12.15 4.38 4.30
N GLY A 223 -13.38 4.13 4.77
CA GLY A 223 -13.60 3.03 5.67
C GLY A 223 -13.17 1.69 5.10
N LYS A 224 -13.20 1.55 3.76
CA LYS A 224 -12.79 0.28 3.17
C LYS A 224 -11.32 -0.01 3.39
N LEU A 225 -10.45 0.99 3.19
CA LEU A 225 -9.03 0.77 3.42
C LEU A 225 -8.76 0.48 4.89
N ARG A 226 -9.42 1.23 5.79
CA ARG A 226 -9.33 0.92 7.21
C ARG A 226 -9.67 -0.54 7.47
N SER A 227 -10.79 -0.99 6.90
CA SER A 227 -11.27 -2.34 7.13
C SER A 227 -10.24 -3.38 6.70
N LEU A 228 -9.61 -3.18 5.54
CA LEU A 228 -8.61 -4.13 5.05
C LEU A 228 -7.40 -4.19 5.96
N CYS A 229 -6.89 -3.03 6.39
CA CYS A 229 -5.76 -3.04 7.31
C CYS A 229 -6.12 -3.71 8.62
N SER A 230 -7.34 -3.45 9.11
CA SER A 230 -7.76 -4.02 10.39
C SER A 230 -7.86 -5.53 10.31
N GLN A 231 -8.40 -6.04 9.20
CA GLN A 231 -8.38 -7.48 8.95
C GLN A 231 -6.96 -8.02 8.98
N HIS A 232 -6.05 -7.36 8.26
CA HIS A 232 -4.65 -7.77 8.27
C HIS A 232 -4.12 -7.87 9.70
N VAL A 233 -4.20 -6.78 10.46
CA VAL A 233 -3.65 -6.79 11.81
C VAL A 233 -4.27 -7.91 12.65
N GLU A 234 -5.58 -8.16 12.49
CA GLU A 234 -6.22 -9.18 13.33
C GLU A 234 -5.73 -10.56 12.97
N ARG A 235 -5.59 -10.87 11.69
CA ARG A 235 -5.11 -12.21 11.32
C ARG A 235 -3.66 -12.39 11.72
N LEU A 236 -2.86 -11.33 11.63
CA LEU A 236 -1.52 -11.36 12.21
C LEU A 236 -1.55 -11.72 13.68
N GLN A 237 -2.45 -11.11 14.45
CA GLN A 237 -2.49 -11.40 15.89
C GLN A 237 -2.79 -12.87 16.12
N ILE A 238 -3.82 -13.39 15.47
CA ILE A 238 -4.10 -14.83 15.57
C ILE A 238 -2.84 -15.63 15.27
N PHE A 239 -2.18 -15.33 14.14
CA PHE A 239 -1.02 -16.11 13.73
C PHE A 239 0.10 -16.01 14.74
N GLN A 240 0.32 -14.82 15.29
CA GLN A 240 1.42 -14.62 16.25
C GLN A 240 1.17 -15.36 17.55
N HIS A 241 -0.11 -15.54 17.93
CA HIS A 241 -0.43 -16.40 19.07
C HIS A 241 -0.13 -17.87 18.76
N LEU A 242 -0.30 -18.30 17.51
CA LEU A 242 -0.03 -19.69 17.16
C LEU A 242 1.47 -19.95 17.00
N HIS A 243 2.21 -18.99 16.46
CA HIS A 243 3.64 -19.17 16.17
C HIS A 243 4.44 -17.97 16.67
N PRO A 244 4.45 -17.74 17.98
CA PRO A 244 5.10 -16.51 18.49
C PRO A 244 6.61 -16.45 18.25
N ILE A 245 7.30 -17.59 18.16
CA ILE A 245 8.74 -17.53 17.95
C ILE A 245 9.06 -17.29 16.48
N VAL A 246 8.19 -17.76 15.58
CA VAL A 246 8.38 -17.47 14.15
C VAL A 246 8.37 -15.96 13.92
N VAL A 247 7.37 -15.29 14.48
CA VAL A 247 7.30 -13.84 14.35
C VAL A 247 8.53 -13.19 14.97
N GLN A 248 8.86 -13.62 16.19
CA GLN A 248 10.02 -13.04 16.86
C GLN A 248 11.31 -13.26 16.10
N ALA A 249 11.45 -14.40 15.41
CA ALA A 249 12.74 -14.80 14.87
C ALA A 249 12.87 -14.63 13.36
N ALA A 250 11.75 -14.56 12.61
CA ALA A 250 11.83 -14.56 11.16
C ALA A 250 10.97 -13.52 10.45
N PHE A 251 10.13 -12.72 11.19
CA PHE A 251 9.45 -11.64 10.50
C PHE A 251 10.34 -10.40 10.45
N PRO A 252 10.19 -9.54 9.44
CA PRO A 252 11.03 -8.35 9.34
C PRO A 252 10.75 -7.39 10.48
N PRO A 253 11.80 -6.83 11.07
CA PRO A 253 11.60 -5.85 12.16
C PRO A 253 10.60 -4.75 11.81
N LEU A 254 10.70 -4.21 10.60
CA LEU A 254 9.82 -3.12 10.22
C LEU A 254 8.38 -3.56 10.22
N TYR A 255 8.12 -4.76 9.69
CA TYR A 255 6.77 -5.32 9.71
C TYR A 255 6.25 -5.44 11.13
N LYS A 256 7.10 -5.90 12.05
CA LYS A 256 6.69 -6.02 13.44
C LYS A 256 6.40 -4.66 14.05
N GLU A 257 7.23 -3.65 13.74
CA GLU A 257 7.00 -2.31 14.24
C GLU A 257 5.65 -1.76 13.77
N LEU A 258 5.24 -2.08 12.54
CA LEU A 258 3.99 -1.50 12.06
C LEU A 258 2.77 -2.28 12.50
N PHE A 259 2.86 -3.61 12.66
CA PHE A 259 1.67 -4.43 12.66
C PHE A 259 1.43 -5.30 13.89
N SER A 260 2.45 -5.70 14.64
CA SER A 260 2.20 -6.61 15.74
C SER A 260 2.23 -5.89 17.10
N GLY A 261 1.82 -6.62 18.13
CA GLY A 261 1.83 -6.10 19.48
C GLY A 261 2.65 -6.91 20.47
N GLY A 262 3.46 -6.24 21.27
CA GLY A 262 3.70 -4.80 21.13
C GLY A 262 5.00 -4.59 20.38
N GLY A 263 4.91 -4.71 19.06
CA GLY A 263 6.09 -4.80 18.22
C GLY A 263 6.80 -3.50 17.94
N GLU A 264 6.20 -2.37 18.30
CA GLU A 264 6.81 -1.06 18.08
C GLU A 264 7.94 -0.75 19.05
N LYS A 265 8.38 -1.72 19.85
CA LYS A 265 9.68 -1.61 20.52
C LYS A 265 10.81 -1.43 19.52
N HIS A 266 10.67 -2.01 18.32
CA HIS A 266 11.54 -1.70 17.19
C HIS A 266 11.30 -0.27 16.71
N LYS A 267 12.37 0.46 16.43
CA LYS A 267 12.21 1.82 15.90
C LYS A 267 12.87 1.98 14.52
N ILE A 268 12.40 1.19 13.54
CA ILE A 268 12.97 1.17 12.20
C ILE A 268 12.56 2.41 11.40
N LEU A 269 11.29 2.81 11.52
CA LEU A 269 10.79 3.95 10.76
C LEU A 269 11.60 5.20 11.07
N HIS A 270 11.88 5.44 12.35
CA HIS A 270 12.74 6.56 12.73
C HIS A 270 14.06 6.52 11.96
N ARG A 271 14.68 5.34 11.91
CA ARG A 271 15.92 5.18 11.16
C ARG A 271 15.72 5.44 9.66
N LEU A 272 14.66 4.87 9.08
CA LEU A 272 14.40 5.08 7.66
C LEU A 272 14.17 6.56 7.35
N LEU A 273 13.49 7.28 8.25
CA LEU A 273 13.15 8.68 8.02
C LEU A 273 14.35 9.60 8.17
N GLN A 274 15.30 9.26 9.06
CA GLN A 274 16.49 10.10 9.25
C GLN A 274 17.49 9.89 8.11
N ASP A 275 17.84 8.64 7.81
CA ASP A 275 18.78 8.32 6.75
C ASP A 275 18.41 9.04 5.46
N SER A 276 19.20 10.07 5.11
CA SER A 276 18.98 10.94 3.95
C SER A 276 17.83 10.54 3.03
C10 EO0 B . 2.20 -9.54 -1.68
C13 EO0 B . 0.20 -10.25 -3.52
C15 EO0 B . -3.43 -10.40 -1.90
C20 EO0 B . 4.91 -7.17 -5.89
C21 EO0 B . 3.55 -6.83 -6.05
C22 EO0 B . 3.22 -5.54 -6.47
C24 EO0 B . 5.57 -4.94 -6.53
C01 EO0 B . -1.02 -11.21 2.33
C02 EO0 B . 0.27 -10.68 2.50
C03 EO0 B . 1.02 -10.28 1.40
C04 EO0 B . 0.48 -10.41 0.09
C05 EO0 B . -0.77 -10.93 -0.08
C06 EO0 B . -1.53 -11.34 1.05
C07 EO0 B . 0.98 -10.09 -1.24
C08 EO0 B . -0.01 -10.43 -2.12
C11 EO0 B . 2.40 -9.36 -3.05
C12 EO0 B . 1.40 -9.70 -3.97
C14 EO0 B . -2.31 -11.44 -1.97
C16 EO0 B . 3.71 -8.77 -3.57
C19 EO0 B . 5.32 -8.57 -5.43
C23 EO0 B . 4.23 -4.59 -6.70
C25 EO0 B . 5.92 -6.23 -6.12
C27 EO0 B . 4.10 -1.77 -5.82
C30 EO0 B . 3.66 -2.47 -4.51
N09 EO0 B . -1.05 -10.94 -1.41
N18 EO0 B . 4.11 -9.15 -4.90
O17 EO0 B . 4.42 -8.05 -2.93
O28 EO0 B . 4.80 -2.52 -8.29
O29 EO0 B . 2.52 -2.76 -7.83
S26 EO0 B . 3.85 -2.90 -7.23
H101 EO0 B . 2.87 -9.31 -1.07
H131 EO0 B . -0.46 -10.49 -4.13
H152 EO0 B . -4.01 -10.50 -2.67
H151 EO0 B . -3.05 -9.51 -1.89
H153 EO0 B . -3.95 -10.54 -1.09
H211 EO0 B . 2.89 -7.46 -5.89
H221 EO0 B . 2.32 -5.30 -6.57
H241 EO0 B . 6.23 -4.31 -6.69
H011 EO0 B . -1.52 -11.48 3.08
H021 EO0 B . 0.62 -10.59 3.36
H031 EO0 B . 1.87 -9.93 1.52
H061 EO0 B . -2.39 -11.69 0.93
H121 EO0 B . 1.54 -9.58 -4.89
H141 EO0 B . -2.58 -12.23 -1.47
H142 EO0 B . -2.16 -11.68 -2.90
H192 EO0 B . 5.64 -9.09 -6.18
H191 EO0 B . 6.00 -8.51 -4.74
H251 EO0 B . 6.80 -6.46 -6.01
H272 EO0 B . 3.56 -0.97 -5.95
H271 EO0 B . 5.03 -1.53 -5.75
H303 EO0 B . 2.83 -2.95 -4.67
H301 EO0 B . 3.53 -1.80 -3.82
H302 EO0 B . 4.35 -3.10 -4.24
H181 EO0 B . 3.60 -9.65 -5.38
#